data_2XO6
#
_entry.id   2XO6
#
_cell.length_a   50.308
_cell.length_b   86.915
_cell.length_c   128.297
_cell.angle_alpha   90.00
_cell.angle_beta   90.00
_cell.angle_gamma   90.00
#
_symmetry.space_group_name_H-M   'P 21 21 21'
#
loop_
_entity.id
_entity.type
_entity.pdbx_description
1 polymer TRANSPOSASE
2 polymer 'DRA2 TRANSPOSASE LEFT END RECOGNITION SEQUENCE'
3 polymer "5'-D(*TP*TP*GP*AP*TP*G)-3'"
4 non-polymer 'CADMIUM ION'
5 non-polymer 'MAGNESIUM ION'
6 non-polymer 'ACETATE ION'
7 water water
#
loop_
_entity_poly.entity_id
_entity_poly.type
_entity_poly.pdbx_seq_one_letter_code
_entity_poly.pdbx_strand_id
1 'polypeptide(L)'
;MTYVILPLEMKKGRGYVYQLEYHLIWCVKYRHQVLVGEVADGLKDILRDIAAQNGLEVITMEVMPDHVHLLLSATPQQAI
PDFVKALKGASARRMFVAYPQLKEKLWGGNLWNPSYCILTVSENTRAQIQKFIESQHDKE
;
A,D
2 'polydeoxyribonucleotide'
;(DC)(DG)(DC)(DA)(DC)(DA)(DC)(DT)(DC)(DG)(DT)(DG)(DA)(DC)(DT)(DT)(DC)(DA)(DG)(DT)
(DC)(DA)(DT)(DG)(DA)(DG)(DT)
;
B,E
3 'polydeoxyribonucleotide' (DT)(DT)(DG)(DA)(DT)(DG) C,F
#
loop_
_chem_comp.id
_chem_comp.type
_chem_comp.name
_chem_comp.formula
ACT non-polymer 'ACETATE ION' 'C2 H3 O2 -1'
CD non-polymer 'CADMIUM ION' 'Cd 2'
DA DNA linking 2'-DEOXYADENOSINE-5'-MONOPHOSPHATE 'C10 H14 N5 O6 P'
DC DNA linking 2'-DEOXYCYTIDINE-5'-MONOPHOSPHATE 'C9 H14 N3 O7 P'
DG DNA linking 2'-DEOXYGUANOSINE-5'-MONOPHOSPHATE 'C10 H14 N5 O7 P'
DT DNA linking THYMIDINE-5'-MONOPHOSPHATE 'C10 H15 N2 O8 P'
MG non-polymer 'MAGNESIUM ION' 'Mg 2'
#
# COMPACT_ATOMS: atom_id res chain seq x y z
N PRO A 7 -19.77 -3.73 -3.63
CA PRO A 7 -19.21 -3.07 -2.46
C PRO A 7 -17.71 -2.74 -2.49
N LEU A 8 -17.13 -2.38 -3.64
CA LEU A 8 -15.69 -2.06 -3.64
C LEU A 8 -15.13 -0.90 -4.54
N GLU A 9 -15.83 -0.53 -5.61
CA GLU A 9 -15.42 0.56 -6.56
C GLU A 9 -13.95 0.52 -7.05
N MET A 10 -13.60 -0.57 -7.72
CA MET A 10 -12.23 -0.75 -8.20
C MET A 10 -11.90 0.22 -9.36
N LYS A 11 -10.66 0.68 -9.43
CA LYS A 11 -10.21 1.52 -10.51
C LYS A 11 -9.38 0.60 -11.40
N LYS A 12 -9.21 0.94 -12.67
CA LYS A 12 -8.46 0.09 -13.57
C LYS A 12 -7.35 0.84 -14.25
N GLY A 13 -6.22 0.16 -14.50
CA GLY A 13 -5.10 0.74 -15.19
C GLY A 13 -4.67 -0.35 -16.20
N ARG A 14 -3.66 -0.09 -17.01
CA ARG A 14 -3.26 -1.08 -18.00
C ARG A 14 -3.06 -2.53 -17.48
N GLY A 15 -2.39 -2.69 -16.36
CA GLY A 15 -2.13 -4.07 -15.98
C GLY A 15 -2.69 -4.47 -14.65
N TYR A 16 -3.72 -3.77 -14.17
CA TYR A 16 -4.15 -3.98 -12.82
C TYR A 16 -5.49 -3.35 -12.49
N VAL A 17 -6.12 -3.85 -11.44
CA VAL A 17 -7.38 -3.30 -10.95
C VAL A 17 -7.00 -2.97 -9.50
N TYR A 18 -7.48 -1.85 -8.96
CA TYR A 18 -7.01 -1.49 -7.65
C TYR A 18 -7.87 -0.58 -6.82
N GLN A 19 -7.65 -0.57 -5.50
CA GLN A 19 -8.29 0.37 -4.57
C GLN A 19 -7.24 0.60 -3.50
N LEU A 20 -6.52 1.74 -3.57
CA LEU A 20 -5.37 1.92 -2.66
C LEU A 20 -5.47 3.27 -1.91
N GLU A 21 -5.45 3.18 -0.61
CA GLU A 21 -5.50 4.37 0.21
C GLU A 21 -4.53 4.27 1.32
N TYR A 22 -3.97 5.41 1.74
CA TYR A 22 -2.98 5.41 2.82
C TYR A 22 -3.23 6.60 3.72
N HIS A 23 -2.93 6.44 5.02
CA HIS A 23 -3.03 7.47 6.03
C HIS A 23 -1.56 7.76 6.32
N LEU A 24 -1.13 8.97 6.01
CA LEU A 24 0.27 9.43 6.14
C LEU A 24 0.24 10.55 7.23
N ILE A 25 1.11 10.44 8.21
CA ILE A 25 1.18 11.42 9.31
C ILE A 25 2.65 11.78 9.54
N TRP A 26 2.94 13.05 9.77
CA TRP A 26 4.31 13.46 10.13
C TRP A 26 4.20 14.67 11.01
N CYS A 27 5.27 14.92 11.74
CA CYS A 27 5.32 16.00 12.70
C CYS A 27 6.26 17.13 12.31
N VAL A 28 6.12 18.24 13.03
CA VAL A 28 7.03 19.37 12.87
C VAL A 28 8.32 18.99 13.58
N LYS A 29 9.45 19.47 13.07
CA LYS A 29 10.76 19.22 13.63
C LYS A 29 10.76 19.80 15.08
N TYR A 30 11.41 19.09 16.02
CA TYR A 30 11.43 19.48 17.47
C TYR A 30 10.04 19.50 18.07
N ARG A 31 9.03 19.02 17.33
CA ARG A 31 7.66 19.10 17.79
C ARG A 31 7.16 20.53 18.14
N HIS A 32 7.65 21.56 17.44
CA HIS A 32 7.18 22.95 17.68
C HIS A 32 5.74 23.11 17.20
N GLN A 33 4.93 23.85 17.96
CA GLN A 33 3.53 24.04 17.58
C GLN A 33 3.37 25.25 16.64
N VAL A 34 3.94 25.20 15.44
CA VAL A 34 3.88 26.37 14.54
C VAL A 34 2.81 26.36 13.46
N LEU A 35 2.11 25.25 13.26
CA LEU A 35 1.14 25.18 12.17
C LEU A 35 -0.23 25.72 12.59
N VAL A 36 -0.32 27.05 12.70
CA VAL A 36 -1.55 27.72 13.13
C VAL A 36 -1.87 28.91 12.23
N GLY A 37 -3.09 29.42 12.33
CA GLY A 37 -3.52 30.55 11.54
C GLY A 37 -3.20 30.50 10.07
N GLU A 38 -2.58 31.56 9.55
CA GLU A 38 -2.25 31.60 8.12
C GLU A 38 -1.28 30.54 7.66
N VAL A 39 -0.36 30.18 8.53
CA VAL A 39 0.66 29.15 8.21
C VAL A 39 -0.05 27.83 7.90
N ALA A 40 -1.03 27.47 8.72
CA ALA A 40 -1.75 26.20 8.50
C ALA A 40 -2.58 26.28 7.22
N ASP A 41 -3.13 27.47 6.99
CA ASP A 41 -3.99 27.65 5.85
C ASP A 41 -3.17 27.60 4.58
N GLY A 42 -1.98 28.18 4.61
CA GLY A 42 -1.14 28.16 3.43
C GLY A 42 -0.61 26.74 3.19
N LEU A 43 -0.37 26.01 4.28
CA LEU A 43 0.14 24.62 4.14
C LEU A 43 -0.86 23.77 3.38
N LYS A 44 -2.13 23.88 3.75
CA LYS A 44 -3.17 23.12 3.08
C LYS A 44 -3.22 23.33 1.57
N ASP A 45 -3.13 24.58 1.15
CA ASP A 45 -3.11 24.91 -0.27
C ASP A 45 -1.85 24.27 -0.95
N ILE A 46 -0.72 24.36 -0.27
CA ILE A 46 0.52 23.82 -0.83
C ILE A 46 0.41 22.28 -0.96
N LEU A 47 -0.07 21.60 0.08
CA LEU A 47 -0.16 20.13 0.01
C LEU A 47 -1.18 19.73 -1.06
N ARG A 48 -2.26 20.50 -1.23
CA ARG A 48 -3.20 20.10 -2.27
C ARG A 48 -2.52 20.16 -3.63
N ASP A 49 -1.81 21.25 -3.84
CA ASP A 49 -1.08 21.44 -5.09
C ASP A 49 -0.04 20.35 -5.40
N ILE A 50 0.77 19.98 -4.40
CA ILE A 50 1.77 18.94 -4.58
C ILE A 50 1.10 17.66 -4.91
N ALA A 51 0.00 17.36 -4.24
CA ALA A 51 -0.72 16.13 -4.48
C ALA A 51 -1.21 15.98 -5.92
N ALA A 52 -1.88 17.01 -6.41
CA ALA A 52 -2.45 17.06 -7.77
C ALA A 52 -1.33 16.88 -8.80
N GLN A 53 -0.17 17.49 -8.53
CA GLN A 53 0.92 17.34 -9.48
C GLN A 53 1.69 16.02 -9.36
N ASN A 54 1.39 15.20 -8.37
CA ASN A 54 2.07 13.93 -8.27
C ASN A 54 1.07 12.80 -8.46
N GLY A 55 -0.08 13.15 -9.02
CA GLY A 55 -1.09 12.14 -9.26
C GLY A 55 -1.73 11.50 -8.04
N LEU A 56 -1.81 12.23 -6.93
CA LEU A 56 -2.42 11.66 -5.72
C LEU A 56 -3.75 12.36 -5.49
N GLU A 57 -4.70 11.68 -4.88
CA GLU A 57 -5.99 12.29 -4.59
C GLU A 57 -6.05 12.46 -3.06
N VAL A 58 -6.29 13.67 -2.59
CA VAL A 58 -6.39 13.90 -1.16
C VAL A 58 -7.82 13.61 -0.75
N ILE A 59 -8.03 12.65 0.14
CA ILE A 59 -9.35 12.30 0.57
C ILE A 59 -9.66 13.09 1.85
N THR A 60 -8.69 13.21 2.74
CA THR A 60 -8.88 13.98 3.99
C THR A 60 -7.55 14.60 4.35
N MET A 61 -7.59 15.80 4.93
CA MET A 61 -6.38 16.45 5.36
C MET A 61 -6.66 17.16 6.66
N GLU A 62 -5.81 16.98 7.65
CA GLU A 62 -5.98 17.69 8.93
C GLU A 62 -4.65 18.25 9.34
N VAL A 63 -4.64 19.54 9.66
CA VAL A 63 -3.40 20.13 10.09
C VAL A 63 -3.55 20.51 11.55
N MET A 64 -2.70 19.95 12.40
CA MET A 64 -2.71 20.30 13.82
C MET A 64 -1.49 21.21 14.03
N PRO A 65 -1.37 21.83 15.20
CA PRO A 65 -0.23 22.72 15.41
C PRO A 65 1.16 22.09 15.19
N ASP A 66 1.28 20.81 15.56
CA ASP A 66 2.58 20.16 15.42
C ASP A 66 2.65 18.92 14.52
N HIS A 67 1.56 18.56 13.86
CA HIS A 67 1.55 17.38 12.96
C HIS A 67 0.50 17.48 11.90
N VAL A 68 0.61 16.66 10.88
CA VAL A 68 -0.30 16.71 9.75
C VAL A 68 -0.77 15.30 9.42
N HIS A 69 -2.03 15.18 9.13
CA HIS A 69 -2.60 13.90 8.67
C HIS A 69 -3.05 14.11 7.21
N LEU A 70 -2.77 13.13 6.36
CA LEU A 70 -3.28 13.09 4.99
C LEU A 70 -3.84 11.68 4.73
N LEU A 71 -5.05 11.58 4.16
CA LEU A 71 -5.60 10.27 3.76
C LEU A 71 -5.53 10.43 2.22
N LEU A 72 -4.83 9.53 1.52
CA LEU A 72 -4.60 9.69 0.12
C LEU A 72 -4.97 8.48 -0.66
N SER A 73 -5.36 8.71 -1.90
CA SER A 73 -5.74 7.66 -2.80
C SER A 73 -4.62 7.70 -3.89
N ALA A 74 -4.10 6.52 -4.25
CA ALA A 74 -2.97 6.43 -5.16
C ALA A 74 -3.14 5.27 -6.13
N THR A 75 -2.24 5.20 -7.11
CA THR A 75 -2.26 4.10 -8.08
C THR A 75 -1.11 3.14 -7.69
N PRO A 76 -1.04 1.96 -8.33
CA PRO A 76 0.03 1.04 -7.94
C PRO A 76 1.39 1.56 -8.29
N GLN A 77 1.43 2.52 -9.19
CA GLN A 77 2.71 3.06 -9.60
C GLN A 77 3.23 4.17 -8.67
N GLN A 78 2.45 4.65 -7.69
CA GLN A 78 2.98 5.67 -6.78
C GLN A 78 3.62 5.01 -5.59
N ALA A 79 4.96 5.01 -5.53
CA ALA A 79 5.67 4.35 -4.41
C ALA A 79 5.61 5.25 -3.19
N ILE A 80 5.51 4.66 -2.01
CA ILE A 80 5.42 5.47 -0.79
C ILE A 80 6.59 6.44 -0.55
N PRO A 81 7.85 5.97 -0.63
CA PRO A 81 8.90 6.99 -0.36
C PRO A 81 8.90 8.16 -1.33
N ASP A 82 8.57 7.88 -2.58
CA ASP A 82 8.54 8.96 -3.57
C ASP A 82 7.43 9.97 -3.25
N PHE A 83 6.24 9.50 -2.93
CA PHE A 83 5.20 10.53 -2.66
C PHE A 83 5.38 11.19 -1.30
N VAL A 84 5.99 10.50 -0.32
CA VAL A 84 6.25 11.20 0.96
C VAL A 84 7.36 12.28 0.70
N LYS A 85 8.39 11.96 -0.09
CA LYS A 85 9.43 12.98 -0.32
C LYS A 85 8.74 14.19 -1.05
N ALA A 86 7.92 13.92 -2.04
CA ALA A 86 7.25 15.02 -2.80
C ALA A 86 6.43 15.86 -1.84
N LEU A 87 5.67 15.22 -0.96
CA LEU A 87 4.83 16.03 -0.05
C LEU A 87 5.58 16.76 1.02
N LYS A 88 6.52 16.08 1.68
CA LYS A 88 7.22 16.74 2.78
C LYS A 88 8.35 17.65 2.30
N GLY A 89 9.14 17.20 1.35
CA GLY A 89 10.26 18.06 0.95
C GLY A 89 9.84 19.36 0.24
N ALA A 90 8.85 19.25 -0.65
CA ALA A 90 8.45 20.48 -1.41
C ALA A 90 7.62 21.38 -0.50
N SER A 91 6.89 20.80 0.46
CA SER A 91 6.09 21.65 1.32
C SER A 91 7.06 22.40 2.23
N ALA A 92 8.09 21.72 2.75
CA ALA A 92 9.03 22.44 3.62
C ALA A 92 9.67 23.65 2.83
N ARG A 93 10.18 23.40 1.63
CA ARG A 93 10.85 24.47 0.86
C ARG A 93 9.83 25.59 0.68
N ARG A 94 8.69 25.23 0.11
CA ARG A 94 7.64 26.23 -0.16
C ARG A 94 7.14 26.97 1.07
N MET A 95 7.00 26.30 2.21
CA MET A 95 6.51 26.95 3.44
C MET A 95 7.53 27.98 3.99
N PHE A 96 8.82 27.63 4.02
CA PHE A 96 9.80 28.58 4.51
C PHE A 96 9.86 29.81 3.57
N VAL A 97 9.69 29.60 2.27
CA VAL A 97 9.67 30.76 1.36
C VAL A 97 8.41 31.60 1.58
N ALA A 98 7.27 30.96 1.81
CA ALA A 98 6.01 31.69 1.97
C ALA A 98 5.79 32.32 3.35
N TYR A 99 6.37 31.73 4.37
CA TYR A 99 6.20 32.21 5.74
C TYR A 99 7.56 32.25 6.35
N PRO A 100 8.35 33.28 6.00
CA PRO A 100 9.72 33.46 6.51
C PRO A 100 9.74 33.57 8.04
N GLN A 101 8.59 33.85 8.66
CA GLN A 101 8.58 33.92 10.13
C GLN A 101 8.89 32.53 10.76
N LEU A 102 8.59 31.44 10.06
CA LEU A 102 8.92 30.09 10.59
C LEU A 102 10.37 29.97 10.98
N LYS A 103 11.24 30.70 10.28
CA LYS A 103 12.66 30.65 10.60
C LYS A 103 13.05 31.18 11.98
N GLU A 104 12.15 31.85 12.70
CA GLU A 104 12.55 32.34 14.03
C GLU A 104 12.59 31.22 15.07
N LYS A 105 11.90 30.13 14.79
CA LYS A 105 11.91 28.98 15.71
C LYS A 105 12.56 27.73 15.05
N LEU A 106 12.71 27.79 13.73
CA LEU A 106 13.28 26.68 12.95
C LEU A 106 14.33 27.29 12.02
N TRP A 107 15.56 27.41 12.50
CA TRP A 107 16.64 28.01 11.74
C TRP A 107 17.70 27.03 11.22
N GLY A 108 17.50 25.72 11.45
CA GLY A 108 18.45 24.71 11.04
C GLY A 108 18.16 24.09 9.70
N GLY A 109 17.21 24.69 8.95
CA GLY A 109 16.87 24.18 7.62
C GLY A 109 15.92 22.96 7.59
N ASN A 110 15.14 22.75 8.65
CA ASN A 110 14.18 21.66 8.64
C ASN A 110 12.87 22.12 9.18
N LEU A 111 11.80 21.92 8.42
CA LEU A 111 10.46 22.26 8.96
C LEU A 111 9.93 20.95 9.62
N TRP A 112 10.23 19.84 8.96
CA TRP A 112 9.74 18.54 9.43
C TRP A 112 10.66 17.58 10.15
N ASN A 113 10.03 16.83 11.04
CA ASN A 113 10.66 15.65 11.73
C ASN A 113 11.03 14.77 10.49
N PRO A 114 12.22 14.16 10.44
CA PRO A 114 12.68 13.31 9.35
C PRO A 114 12.01 11.92 9.28
N SER A 115 11.02 11.63 10.14
CA SER A 115 10.34 10.32 10.08
C SER A 115 8.94 10.52 9.57
N TYR A 116 8.33 9.46 9.05
CA TYR A 116 6.92 9.58 8.67
C TYR A 116 6.25 8.33 9.21
N CYS A 117 4.93 8.40 9.33
CA CYS A 117 4.18 7.22 9.77
C CYS A 117 3.21 6.92 8.62
N ILE A 118 3.04 5.65 8.23
CA ILE A 118 2.16 5.40 7.10
C ILE A 118 1.45 4.05 7.26
N LEU A 119 0.12 4.08 7.04
CA LEU A 119 -0.71 2.88 7.16
C LEU A 119 -1.55 2.71 5.94
N THR A 120 -1.78 1.45 5.57
CA THR A 120 -2.67 1.17 4.44
C THR A 120 -4.11 1.29 5.03
N VAL A 121 -5.08 1.62 4.15
CA VAL A 121 -6.47 1.79 4.61
C VAL A 121 -7.47 1.08 3.68
N SER A 122 -8.45 0.37 4.24
CA SER A 122 -9.47 -0.34 3.45
C SER A 122 -10.87 0.04 3.97
N GLU A 123 -11.87 -0.26 3.15
CA GLU A 123 -13.25 0.05 3.54
C GLU A 123 -13.74 -0.92 4.59
N ASN A 124 -13.33 -2.17 4.49
CA ASN A 124 -13.70 -3.22 5.45
C ASN A 124 -12.47 -3.44 6.31
N THR A 125 -12.56 -4.26 7.34
CA THR A 125 -11.38 -4.48 8.16
C THR A 125 -10.62 -5.72 7.67
N ARG A 126 -9.38 -5.84 8.13
CA ARG A 126 -8.54 -7.01 7.78
C ARG A 126 -9.31 -8.26 8.28
N ALA A 127 -9.84 -8.18 9.49
CA ALA A 127 -10.56 -9.38 10.01
C ALA A 127 -11.77 -9.77 9.13
N GLN A 128 -12.55 -8.76 8.65
CA GLN A 128 -13.66 -9.07 7.76
C GLN A 128 -13.17 -9.67 6.43
N ILE A 129 -12.07 -9.13 5.88
CA ILE A 129 -11.51 -9.69 4.65
C ILE A 129 -11.08 -11.16 4.86
N GLN A 130 -10.40 -11.43 5.96
CA GLN A 130 -10.02 -12.84 6.23
C GLN A 130 -11.25 -13.73 6.35
N LYS A 131 -12.27 -13.26 7.07
CA LYS A 131 -13.49 -14.08 7.24
C LYS A 131 -14.12 -14.35 5.88
N PHE A 132 -14.10 -13.35 5.02
CA PHE A 132 -14.66 -13.52 3.68
C PHE A 132 -13.90 -14.59 2.89
N ILE A 133 -12.58 -14.48 2.85
CA ILE A 133 -11.80 -15.48 2.11
C ILE A 133 -12.02 -16.89 2.71
N GLU A 134 -11.98 -16.98 4.05
CA GLU A 134 -12.14 -18.27 4.70
C GLU A 134 -13.54 -18.87 4.58
N SER A 135 -14.53 -18.04 4.33
CA SER A 135 -15.88 -18.52 4.18
C SER A 135 -16.12 -19.18 2.80
N GLN A 136 -15.19 -19.00 1.85
CA GLN A 136 -15.39 -19.56 0.52
C GLN A 136 -15.26 -21.09 0.50
N HIS A 137 -16.01 -21.72 -0.38
CA HIS A 137 -16.07 -23.19 -0.42
C HIS A 137 -15.01 -24.01 -1.17
N ASP A 138 -14.29 -23.39 -2.07
CA ASP A 138 -13.31 -24.12 -2.85
C ASP A 138 -11.86 -23.75 -2.56
N LYS A 139 -11.49 -23.81 -1.28
CA LYS A 139 -10.12 -23.51 -0.84
C LYS A 139 -9.28 -24.78 -1.00
N GLU A 140 -8.70 -24.93 -2.19
CA GLU A 140 -7.86 -26.07 -2.56
C GLU A 140 -7.45 -26.02 -4.03
N GLU D 9 2.76 -2.71 18.25
CA GLU D 9 2.23 -3.38 17.07
C GLU D 9 2.61 -2.71 15.70
N MET D 10 2.83 -1.40 15.73
CA MET D 10 3.31 -0.67 14.55
C MET D 10 4.80 -1.11 14.30
N LYS D 11 5.21 -1.34 13.05
CA LYS D 11 6.61 -1.70 12.75
C LYS D 11 7.48 -0.46 12.56
N LYS D 12 8.77 -0.57 12.86
CA LYS D 12 9.68 0.57 12.76
C LYS D 12 10.87 0.30 11.87
N GLY D 13 11.30 1.33 11.11
CA GLY D 13 12.45 1.21 10.21
C GLY D 13 13.26 2.48 10.49
N ARG D 14 14.37 2.65 9.81
CA ARG D 14 15.23 3.79 10.07
C ARG D 14 14.49 5.13 9.98
N GLY D 15 13.68 5.33 8.98
CA GLY D 15 13.09 6.67 8.86
C GLY D 15 11.57 6.62 8.84
N TYR D 16 10.95 5.55 9.39
CA TYR D 16 9.50 5.49 9.27
C TYR D 16 8.89 4.49 10.25
N VAL D 17 7.59 4.66 10.52
CA VAL D 17 6.85 3.78 11.39
C VAL D 17 5.68 3.40 10.48
N TYR D 18 5.26 2.12 10.51
CA TYR D 18 4.29 1.77 9.54
C TYR D 18 3.47 0.51 9.81
N GLN D 19 2.37 0.36 9.05
CA GLN D 19 1.56 -0.92 9.13
C GLN D 19 0.95 -0.99 7.74
N LEU D 20 1.55 -1.79 6.86
CA LEU D 20 1.11 -1.84 5.47
C LEU D 20 0.66 -3.24 5.14
N GLU D 21 -0.62 -3.39 4.86
CA GLU D 21 -1.18 -4.71 4.52
C GLU D 21 -1.90 -4.52 3.18
N TYR D 22 -1.87 -5.59 2.37
CA TYR D 22 -2.50 -5.59 1.09
C TYR D 22 -3.20 -6.92 0.84
N HIS D 23 -4.28 -6.88 0.05
CA HIS D 23 -4.97 -8.08 -0.37
C HIS D 23 -4.64 -8.08 -1.90
N LEU D 24 -3.97 -9.16 -2.34
CA LEU D 24 -3.52 -9.27 -3.71
C LEU D 24 -4.18 -10.49 -4.30
N ILE D 25 -4.79 -10.33 -5.47
CA ILE D 25 -5.47 -11.43 -6.16
C ILE D 25 -5.10 -11.51 -7.61
N TRP D 26 -4.77 -12.71 -8.11
CA TRP D 26 -4.51 -12.83 -9.53
C TRP D 26 -5.06 -14.18 -9.99
N CYS D 27 -5.25 -14.32 -11.29
CA CYS D 27 -5.84 -15.55 -11.87
C CYS D 27 -4.88 -16.32 -12.75
N VAL D 28 -5.28 -17.57 -13.03
CA VAL D 28 -4.53 -18.42 -13.93
C VAL D 28 -4.80 -17.92 -15.36
N LYS D 29 -3.80 -18.00 -16.24
CA LYS D 29 -3.92 -17.56 -17.60
C LYS D 29 -5.07 -18.38 -18.31
N TYR D 30 -5.89 -17.73 -19.11
CA TYR D 30 -7.03 -18.42 -19.78
C TYR D 30 -8.09 -18.87 -18.80
N ARG D 31 -7.90 -18.51 -17.52
CA ARG D 31 -8.80 -18.93 -16.47
C ARG D 31 -8.92 -20.44 -16.30
N HIS D 32 -7.88 -21.18 -16.62
CA HIS D 32 -7.89 -22.67 -16.47
C HIS D 32 -7.97 -23.04 -15.00
N GLN D 33 -8.73 -24.09 -14.68
CA GLN D 33 -8.88 -24.48 -13.29
C GLN D 33 -7.83 -25.51 -12.86
N VAL D 34 -6.56 -25.12 -12.96
CA VAL D 34 -5.46 -26.06 -12.71
C VAL D 34 -4.87 -26.09 -11.32
N LEU D 35 -5.18 -25.11 -10.50
CA LEU D 35 -4.65 -25.06 -9.16
C LEU D 35 -5.42 -25.98 -8.19
N VAL D 36 -5.21 -27.28 -8.36
CA VAL D 36 -5.87 -28.30 -7.53
C VAL D 36 -4.85 -29.34 -7.05
N GLY D 37 -5.25 -30.16 -6.08
CA GLY D 37 -4.40 -31.20 -5.54
C GLY D 37 -2.96 -30.78 -5.24
N GLU D 38 -2.02 -31.56 -5.76
CA GLU D 38 -0.61 -31.29 -5.49
C GLU D 38 -0.13 -29.96 -6.04
N VAL D 39 -0.71 -29.54 -7.15
CA VAL D 39 -0.31 -28.26 -7.77
C VAL D 39 -0.67 -27.13 -6.82
N ALA D 40 -1.87 -27.17 -6.25
CA ALA D 40 -2.26 -26.09 -5.34
C ALA D 40 -1.30 -26.02 -4.15
N ASP D 41 -1.07 -27.17 -3.54
CA ASP D 41 -0.20 -27.21 -2.39
C ASP D 41 1.26 -26.81 -2.67
N GLY D 42 1.76 -27.22 -3.82
CA GLY D 42 3.12 -26.85 -4.18
C GLY D 42 3.16 -25.33 -4.37
N LEU D 43 2.09 -24.77 -4.93
CA LEU D 43 2.10 -23.33 -5.13
C LEU D 43 2.17 -22.60 -3.79
N LYS D 44 1.36 -23.03 -2.82
CA LYS D 44 1.39 -22.34 -1.54
C LYS D 44 2.75 -22.33 -0.92
N ASP D 45 3.41 -23.47 -1.03
CA ASP D 45 4.77 -23.56 -0.45
C ASP D 45 5.79 -22.64 -1.20
N ILE D 46 5.65 -22.56 -2.52
CA ILE D 46 6.54 -21.74 -3.31
C ILE D 46 6.25 -20.26 -2.98
N LEU D 47 4.98 -19.87 -2.87
CA LEU D 47 4.67 -18.46 -2.55
C LEU D 47 5.15 -18.12 -1.15
N ARG D 48 5.05 -19.06 -0.22
CA ARG D 48 5.53 -18.71 1.13
C ARG D 48 7.04 -18.52 1.13
N ASP D 49 7.74 -19.40 0.42
CA ASP D 49 9.19 -19.26 0.34
C ASP D 49 9.60 -17.93 -0.32
N ILE D 50 8.96 -17.58 -1.45
CA ILE D 50 9.29 -16.32 -2.16
C ILE D 50 9.03 -15.14 -1.21
N ALA D 51 7.92 -15.22 -0.49
CA ALA D 51 7.62 -14.13 0.45
C ALA D 51 8.70 -13.99 1.51
N ALA D 52 9.07 -15.09 2.13
CA ALA D 52 10.05 -15.06 3.22
C ALA D 52 11.42 -14.56 2.74
N GLN D 53 11.77 -14.93 1.51
CA GLN D 53 13.05 -14.56 0.91
C GLN D 53 13.08 -13.12 0.41
N ASN D 54 11.90 -12.53 0.19
CA ASN D 54 11.81 -11.15 -0.29
C ASN D 54 11.32 -10.15 0.80
N GLY D 55 11.34 -10.57 2.05
CA GLY D 55 10.94 -9.67 3.15
C GLY D 55 9.46 -9.30 3.29
N LEU D 56 8.57 -10.17 2.81
CA LEU D 56 7.16 -9.89 2.89
C LEU D 56 6.62 -10.90 3.92
N GLU D 57 5.54 -10.57 4.59
CA GLU D 57 4.97 -11.49 5.53
C GLU D 57 3.63 -11.93 4.98
N VAL D 58 3.34 -13.23 5.07
CA VAL D 58 2.05 -13.76 4.60
C VAL D 58 1.15 -13.78 5.81
N ILE D 59 0.03 -13.05 5.75
CA ILE D 59 -0.94 -13.03 6.84
C ILE D 59 -1.88 -14.20 6.54
N THR D 60 -2.40 -14.28 5.30
CA THR D 60 -3.33 -15.37 4.96
C THR D 60 -3.11 -15.66 3.48
N MET D 61 -3.34 -16.91 3.11
CA MET D 61 -3.24 -17.25 1.72
C MET D 61 -4.24 -18.38 1.44
N GLU D 62 -4.99 -18.23 0.35
CA GLU D 62 -5.90 -19.27 -0.06
C GLU D 62 -5.81 -19.37 -1.60
N VAL D 63 -6.00 -20.59 -2.07
CA VAL D 63 -5.90 -20.87 -3.49
C VAL D 63 -7.20 -21.54 -3.97
N MET D 64 -7.84 -21.00 -4.99
CA MET D 64 -9.04 -21.58 -5.62
C MET D 64 -8.48 -22.19 -6.92
N PRO D 65 -9.28 -22.98 -7.63
CA PRO D 65 -8.74 -23.59 -8.85
C PRO D 65 -8.19 -22.65 -9.92
N ASP D 66 -8.75 -21.43 -10.01
CA ASP D 66 -8.30 -20.51 -11.04
C ASP D 66 -7.75 -19.19 -10.55
N HIS D 67 -7.62 -19.03 -9.22
CA HIS D 67 -7.05 -17.75 -8.70
C HIS D 67 -6.48 -17.92 -7.33
N VAL D 68 -5.71 -16.94 -6.91
CA VAL D 68 -5.04 -17.00 -5.60
C VAL D 68 -5.37 -15.70 -4.82
N HIS D 69 -5.58 -15.82 -3.52
CA HIS D 69 -5.76 -14.64 -2.65
C HIS D 69 -4.53 -14.64 -1.74
N LEU D 70 -3.92 -13.50 -1.55
CA LEU D 70 -2.82 -13.42 -0.61
C LEU D 70 -3.05 -12.11 0.18
N LEU D 71 -2.98 -12.18 1.52
CA LEU D 71 -3.09 -10.95 2.34
C LEU D 71 -1.63 -10.91 2.83
N LEU D 72 -0.91 -9.83 2.58
CA LEU D 72 0.50 -9.77 2.97
C LEU D 72 0.83 -8.44 3.63
N SER D 73 1.91 -8.40 4.40
CA SER D 73 2.39 -7.19 5.07
C SER D 73 3.77 -6.90 4.44
N ALA D 74 4.09 -5.61 4.22
CA ALA D 74 5.35 -5.23 3.56
C ALA D 74 5.90 -3.96 4.20
N THR D 75 7.08 -3.49 3.77
CA THR D 75 7.64 -2.27 4.36
C THR D 75 7.38 -1.14 3.37
N PRO D 76 7.66 0.11 3.77
CA PRO D 76 7.40 1.19 2.79
C PRO D 76 8.31 1.13 1.56
N GLN D 77 9.42 0.40 1.67
CA GLN D 77 10.35 0.30 0.55
C GLN D 77 9.98 -0.72 -0.51
N GLN D 78 8.96 -1.51 -0.23
CA GLN D 78 8.56 -2.52 -1.18
C GLN D 78 7.38 -2.03 -2.00
N ALA D 79 7.67 -1.55 -3.18
CA ALA D 79 6.64 -1.07 -4.07
C ALA D 79 5.78 -2.22 -4.58
N ILE D 80 4.52 -1.91 -4.81
CA ILE D 80 3.57 -2.91 -5.26
C ILE D 80 3.98 -3.64 -6.57
N PRO D 81 4.39 -2.91 -7.63
CA PRO D 81 4.71 -3.68 -8.85
C PRO D 81 5.89 -4.62 -8.58
N ASP D 82 6.80 -4.18 -7.73
CA ASP D 82 7.97 -4.98 -7.42
C ASP D 82 7.62 -6.26 -6.63
N PHE D 83 6.75 -6.20 -5.59
CA PHE D 83 6.46 -7.46 -4.93
C PHE D 83 5.49 -8.31 -5.75
N VAL D 84 4.64 -7.69 -6.58
CA VAL D 84 3.75 -8.52 -7.43
C VAL D 84 4.64 -9.26 -8.47
N LYS D 85 5.64 -8.59 -9.02
CA LYS D 85 6.56 -9.22 -9.99
C LYS D 85 7.28 -10.42 -9.31
N ALA D 86 7.76 -10.14 -8.09
CA ALA D 86 8.50 -11.17 -7.35
C ALA D 86 7.63 -12.38 -7.08
N LEU D 87 6.37 -12.21 -6.69
CA LEU D 87 5.50 -13.33 -6.40
C LEU D 87 4.97 -14.05 -7.66
N LYS D 88 4.46 -13.31 -8.62
CA LYS D 88 3.93 -13.97 -9.82
C LYS D 88 4.98 -14.52 -10.79
N GLY D 89 6.02 -13.72 -11.03
CA GLY D 89 7.06 -14.12 -11.97
C GLY D 89 7.82 -15.34 -11.46
N ALA D 90 8.29 -15.26 -10.21
CA ALA D 90 9.07 -16.39 -9.70
C ALA D 90 8.19 -17.62 -9.49
N SER D 91 6.98 -17.42 -8.97
CA SER D 91 6.16 -18.64 -8.82
C SER D 91 5.86 -19.34 -10.15
N ALA D 92 5.66 -18.59 -11.21
CA ALA D 92 5.39 -19.23 -12.48
C ALA D 92 6.61 -20.06 -12.91
N ARG D 93 7.76 -19.42 -12.85
CA ARG D 93 8.98 -20.14 -13.24
C ARG D 93 9.14 -21.46 -12.43
N ARG D 94 9.03 -21.34 -11.10
CA ARG D 94 9.20 -22.50 -10.25
C ARG D 94 8.10 -23.57 -10.46
N MET D 95 6.85 -23.12 -10.65
CA MET D 95 5.74 -24.05 -10.82
C MET D 95 5.92 -24.94 -12.08
N PHE D 96 6.24 -24.31 -13.19
CA PHE D 96 6.40 -25.10 -14.41
C PHE D 96 7.56 -26.11 -14.26
N VAL D 97 8.60 -25.78 -13.51
CA VAL D 97 9.77 -26.71 -13.27
C VAL D 97 9.32 -27.82 -12.31
N ALA D 98 8.63 -27.44 -11.24
CA ALA D 98 8.14 -28.44 -10.26
C ALA D 98 7.00 -29.33 -10.76
N TYR D 99 6.15 -28.82 -11.64
CA TYR D 99 5.00 -29.56 -12.15
C TYR D 99 4.89 -29.43 -13.68
N PRO D 100 5.76 -30.16 -14.40
CA PRO D 100 5.87 -30.24 -15.86
C PRO D 100 4.51 -30.52 -16.48
N GLN D 101 3.64 -31.19 -15.73
CA GLN D 101 2.31 -31.49 -16.30
C GLN D 101 1.47 -30.24 -16.63
N LEU D 102 1.81 -29.09 -16.02
CA LEU D 102 1.09 -27.85 -16.32
C LEU D 102 1.24 -27.47 -17.82
N LYS D 103 2.34 -27.90 -18.42
CA LYS D 103 2.54 -27.62 -19.83
C LYS D 103 1.46 -28.27 -20.70
N GLU D 104 0.74 -29.25 -20.16
CA GLU D 104 -0.31 -29.90 -20.96
C GLU D 104 -1.33 -28.90 -21.50
N LYS D 105 -1.76 -27.95 -20.67
CA LYS D 105 -2.73 -26.96 -21.14
C LYS D 105 -2.23 -25.52 -21.15
N LEU D 106 -0.99 -25.33 -20.68
CA LEU D 106 -0.34 -24.01 -20.61
C LEU D 106 1.00 -24.22 -21.27
N TRP D 107 1.02 -24.15 -22.60
CA TRP D 107 2.25 -24.39 -23.35
C TRP D 107 2.80 -23.11 -23.94
N GLY D 108 2.10 -22.00 -23.68
CA GLY D 108 2.55 -20.73 -24.23
C GLY D 108 3.56 -19.90 -23.42
N GLY D 109 4.06 -20.44 -22.32
CA GLY D 109 5.02 -19.65 -21.52
C GLY D 109 4.42 -18.80 -20.41
N ASN D 110 3.11 -18.93 -20.16
CA ASN D 110 2.47 -18.18 -19.09
C ASN D 110 1.63 -19.07 -18.19
N LEU D 111 1.84 -18.92 -16.89
CA LEU D 111 0.97 -19.60 -15.95
C LEU D 111 -0.13 -18.61 -15.56
N TRP D 112 0.24 -17.33 -15.47
CA TRP D 112 -0.71 -16.33 -15.01
C TRP D 112 -1.26 -15.31 -16.00
N ASN D 113 -2.46 -14.90 -15.66
CA ASN D 113 -3.16 -13.77 -16.32
C ASN D 113 -2.17 -12.59 -16.02
N PRO D 114 -1.91 -11.73 -17.04
CA PRO D 114 -1.01 -10.61 -16.90
C PRO D 114 -1.55 -9.49 -16.03
N SER D 115 -2.78 -9.58 -15.52
CA SER D 115 -3.19 -8.48 -14.69
C SER D 115 -3.23 -8.93 -13.16
N TYR D 116 -3.34 -7.96 -12.25
CA TYR D 116 -3.41 -8.31 -10.82
C TYR D 116 -4.39 -7.35 -10.20
N CYS D 117 -4.92 -7.74 -9.04
CA CYS D 117 -5.90 -6.91 -8.34
C CYS D 117 -5.28 -6.66 -6.97
N ILE D 118 -5.23 -5.40 -6.52
CA ILE D 118 -4.61 -5.13 -5.26
C ILE D 118 -5.38 -4.06 -4.46
N LEU D 119 -5.58 -4.35 -3.17
CA LEU D 119 -6.28 -3.41 -2.28
C LEU D 119 -5.47 -3.22 -1.02
N THR D 120 -5.41 -1.96 -0.54
CA THR D 120 -4.77 -1.69 0.73
C THR D 120 -5.74 -2.18 1.79
N VAL D 121 -5.21 -2.65 2.93
CA VAL D 121 -6.07 -3.19 4.01
C VAL D 121 -5.67 -2.60 5.35
N SER D 122 -6.66 -2.25 6.18
CA SER D 122 -6.34 -1.72 7.52
C SER D 122 -7.04 -2.58 8.60
N GLU D 123 -6.58 -2.49 9.84
CA GLU D 123 -7.20 -3.24 10.92
C GLU D 123 -8.58 -2.66 11.31
N ASN D 124 -8.74 -1.34 11.14
CA ASN D 124 -9.98 -0.60 11.43
C ASN D 124 -10.52 -0.18 10.09
N THR D 125 -11.75 0.32 10.00
CA THR D 125 -12.26 0.69 8.68
C THR D 125 -11.85 2.11 8.31
N ARG D 126 -11.96 2.43 7.02
CA ARG D 126 -11.66 3.78 6.52
C ARG D 126 -12.61 4.74 7.26
N ALA D 127 -13.90 4.34 7.31
CA ALA D 127 -14.88 5.22 7.98
C ALA D 127 -14.46 5.55 9.40
N GLN D 128 -13.97 4.56 10.17
CA GLN D 128 -13.54 4.82 11.57
C GLN D 128 -12.29 5.71 11.65
N ILE D 129 -11.35 5.45 10.75
CA ILE D 129 -10.10 6.22 10.72
C ILE D 129 -10.42 7.67 10.39
N GLN D 130 -11.17 7.84 9.31
CA GLN D 130 -11.59 9.12 8.79
C GLN D 130 -12.44 9.92 9.77
N LYS D 131 -13.07 9.23 10.72
CA LYS D 131 -13.89 9.84 11.76
C LYS D 131 -13.01 10.25 12.97
N PHE D 132 -11.98 9.46 13.27
CA PHE D 132 -11.06 9.76 14.37
C PHE D 132 -10.12 10.91 13.94
N ILE D 133 -9.90 11.04 12.63
CA ILE D 133 -9.06 12.07 12.03
C ILE D 133 -9.67 13.49 12.15
N GLU D 134 -10.98 13.58 12.32
CA GLU D 134 -11.59 14.89 12.48
C GLU D 134 -11.86 15.23 13.96
N SER D 135 -12.18 14.21 14.76
CA SER D 135 -12.49 14.37 16.19
C SER D 135 -11.53 15.15 17.12
N GLN D 136 -10.21 15.05 16.91
CA GLN D 136 -9.19 15.73 17.75
C GLN D 136 -9.34 17.26 17.87
CD CD G . -3.86 14.15 15.12
CD CD H . 13.56 10.75 6.67
CD CD I . -7.26 29.50 2.44
CD CD J . -0.25 18.22 19.34
CD CD K . -17.94 0.46 -1.25
MG MG L . 13.56 10.77 6.68
MG MG M . -7.23 29.52 2.43
MG MG N . -17.94 0.46 -1.26
MG MG O . 19.82 3.62 16.25
CD CD P . -11.84 -16.44 -4.19
CD CD Q . 1.10 -7.50 -16.26
CD CD R . 9.24 -24.52 1.71
MG MG S . 9.20 -24.53 1.78
C ACT T . -0.55 -28.22 -27.77
O ACT T . 0.50 -28.45 -27.12
OXT ACT T . -0.46 -27.40 -28.86
CH3 ACT T . -1.85 -28.85 -27.38
MG MG U . -7.33 -1.14 -24.87
CD CD V . 16.09 -13.54 -5.77
MG MG W . 1.09 -7.49 -16.24
MG MG X . 16.06 -13.53 -5.78
#